data_7TZR
#
_entry.id   7TZR
#
_cell.length_a   150.156
_cell.length_b   29.608
_cell.length_c   95.507
_cell.angle_alpha   90.000
_cell.angle_beta   94.321
_cell.angle_gamma   90.000
#
_symmetry.space_group_name_H-M   'C 1 2 1'
#
loop_
_entity.id
_entity.type
_entity.pdbx_description
1 polymer 'RNA (80-MER)'
2 non-polymer N-methyl-1-(quinoxalin-6-yl)methanamine
3 non-polymer 'MAGNESIUM ION'
4 non-polymer 'POTASSIUM ION'
5 non-polymer 'SODIUM ION'
6 water water
#
_entity_poly.entity_id   1
_entity_poly.type   'polyribonucleotide'
_entity_poly.pdbx_seq_one_letter_code
;(GTP)GACUCGGGGUGCCCUUCUGCGUGAAGGCUGAGAAAUACCCGUAUCACCUGAUCUGGAUAAUGCCAGCGUAGGGAA
GUU(CCC)
;
_entity_poly.pdbx_strand_id   X,Y
#